data_4DL5
#
_entry.id   4DL5
#
_cell.length_a   99.414
_cell.length_b   99.414
_cell.length_c   82.085
_cell.angle_alpha   90.00
_cell.angle_beta   90.00
_cell.angle_gamma   120.00
#
_symmetry.space_group_name_H-M   'P 61'
#
loop_
_entity.id
_entity.type
_entity.pdbx_description
1 polymer 'DNA polymerase eta'
2 polymer "DNA (5'-D(*TP*AP*CP*GP*GP*TP*CP*AP*CP*AP*CP*T)-3')"
3 polymer "DNA (5'-D(P*TP*AP*GP*TP*GP*TP*GP*AP*C)-3')"
4 non-polymer 'MAGNESIUM ION'
5 non-polymer "2'-deoxy-5'-O-[(R)-hydroxy{[(R)-hydroxy(phosphonooxy)phosphoryl]amino}phosphoryl]cytidine"
6 non-polymer Cisplatin
#
loop_
_entity_poly.entity_id
_entity_poly.type
_entity_poly.pdbx_seq_one_letter_code
_entity_poly.pdbx_strand_id
1 'polypeptide(L)'
;GPHMATGQDRVVALVDMDCFFVQVEQRQNPHLRNKPCAVVQYKSWKGGGIIAVSYEARAFGVTRSMWADDAKKLCPDLLL
AQVRESRGKANLTKYREASVEVMEIMSRFAVIERASIDEAYVDLTSAVQERLQKLQGQPISADLLPSTYIEGLPQGPTTA
EETVQKEGMRKQGLFQWLDSLQIDNLTSPDLQLTVGAVIVEEMRAAIERETGFQCSAGISHNKVLAKLACGLNKPNRQTL
VSHGSVPQLFSQMPIRKIRSLGGKLGASVIEILGIEYMGELTQFTESQLQSHFGEKNGSWLYAMCRGIEHDPVKPRQLPK
TIGCSKNFPGKTALATREQVQWWLLQLAQELEERLTKDRNDNDRVATQLVVSIRVQGDKRLSSLRRCCALTRYDAHKMSH
DAFTVIKNCNTSGIQTEWSPPLTMLFLCATKFSAS
;
A
2 'polydeoxyribonucleotide' (DT)(DA)(DC)(DG)(DG)(DT)(DC)(DA)(DC)(DA)(DC)(DT) T
3 'polydeoxyribonucleotide' (DT)(DA)(DG)(DT)(DG)(DT)(DG)(DA)(DC) P
#
loop_
_chem_comp.id
_chem_comp.type
_chem_comp.name
_chem_comp.formula
0KX non-polymer 2'-deoxy-5'-O-[(R)-hydroxy{[(R)-hydroxy(phosphonooxy)phosphoryl]amino}phosphoryl]cytidine 'C9 H17 N4 O12 P3'
CPT non-polymer Cisplatin 'Cl2 H6 N2 Pt'
DA DNA linking 2'-DEOXYADENOSINE-5'-MONOPHOSPHATE 'C10 H14 N5 O6 P'
DC DNA linking 2'-DEOXYCYTIDINE-5'-MONOPHOSPHATE 'C9 H14 N3 O7 P'
DG DNA linking 2'-DEOXYGUANOSINE-5'-MONOPHOSPHATE 'C10 H14 N5 O7 P'
DT DNA linking THYMIDINE-5'-MONOPHOSPHATE 'C10 H15 N2 O8 P'
MG non-polymer 'MAGNESIUM ION' 'Mg 2'
#
# COMPACT_ATOMS: atom_id res chain seq x y z
N ALA A 5 27.01 -9.10 3.77
CA ALA A 5 26.17 -9.55 4.87
C ALA A 5 25.11 -10.52 4.40
N THR A 6 24.31 -11.02 5.33
CA THR A 6 23.22 -11.91 5.00
C THR A 6 21.93 -11.11 5.03
N GLY A 7 22.07 -9.79 5.17
CA GLY A 7 20.91 -8.92 5.23
C GLY A 7 19.97 -9.26 6.36
N GLN A 8 20.53 -9.55 7.52
CA GLN A 8 19.75 -9.89 8.71
C GLN A 8 19.92 -8.81 9.76
N ASP A 9 20.45 -7.67 9.33
CA ASP A 9 20.78 -6.57 10.24
C ASP A 9 19.57 -5.91 10.87
N ARG A 10 18.48 -5.79 10.10
CA ARG A 10 17.29 -5.08 10.58
C ARG A 10 16.11 -6.02 10.80
N VAL A 11 15.21 -5.59 11.67
CA VAL A 11 13.90 -6.23 11.79
C VAL A 11 12.85 -5.26 11.24
N VAL A 12 12.19 -5.66 10.15
CA VAL A 12 11.24 -4.79 9.49
C VAL A 12 9.86 -5.44 9.40
N ALA A 13 8.83 -4.64 9.67
CA ALA A 13 7.47 -5.13 9.57
C ALA A 13 6.64 -4.28 8.61
N LEU A 14 5.76 -4.93 7.87
CA LEU A 14 4.78 -4.24 7.05
C LEU A 14 3.40 -4.63 7.53
N VAL A 15 2.63 -3.63 7.97
CA VAL A 15 1.28 -3.86 8.42
C VAL A 15 0.29 -3.33 7.41
N ASP A 16 -0.58 -4.22 6.94
CA ASP A 16 -1.54 -3.86 5.91
C ASP A 16 -2.96 -4.22 6.35
N MET A 17 -3.86 -3.25 6.31
CA MET A 17 -5.24 -3.45 6.75
C MET A 17 -5.96 -4.42 5.83
N ASP A 18 -6.82 -5.28 6.39
CA ASP A 18 -7.55 -6.21 5.55
C ASP A 18 -8.77 -5.54 4.92
N CYS A 19 -8.97 -5.47 3.54
CA CYS A 19 -10.07 -4.84 2.82
C CYS A 19 -10.46 -3.52 3.49
N PHE A 20 -9.52 -2.58 3.50
CA PHE A 20 -9.59 -1.39 4.34
C PHE A 20 -10.84 -0.52 4.16
N PHE A 21 -11.12 -0.10 2.94
CA PHE A 21 -12.27 0.76 2.69
C PHE A 21 -13.57 0.08 3.13
N VAL A 22 -13.64 -1.23 2.91
CA VAL A 22 -14.79 -2.01 3.35
C VAL A 22 -14.94 -1.98 4.86
N GLN A 23 -13.81 -2.13 5.57
CA GLN A 23 -13.83 -2.11 7.02
C GLN A 23 -14.29 -0.77 7.58
N VAL A 24 -13.82 0.32 6.97
CA VAL A 24 -14.22 1.66 7.38
C VAL A 24 -15.73 1.80 7.27
N GLU A 25 -16.28 1.35 6.15
CA GLU A 25 -17.72 1.40 5.91
C GLU A 25 -18.45 0.44 6.85
N GLN A 26 -17.86 -0.73 7.08
CA GLN A 26 -18.45 -1.73 7.96
C GLN A 26 -18.52 -1.25 9.41
N ARG A 27 -17.47 -0.58 9.87
CA ARG A 27 -17.47 -0.03 11.22
C ARG A 27 -18.57 1.00 11.38
N GLN A 28 -18.70 1.88 10.41
CA GLN A 28 -19.72 2.91 10.43
C GLN A 28 -21.11 2.33 10.29
N ASN A 29 -21.25 1.35 9.39
CA ASN A 29 -22.53 0.68 9.18
C ASN A 29 -22.45 -0.79 9.58
N PRO A 30 -22.94 -1.12 10.78
CA PRO A 30 -22.93 -2.48 11.34
C PRO A 30 -23.62 -3.51 10.44
N HIS A 31 -24.57 -3.09 9.63
CA HIS A 31 -25.30 -4.02 8.77
C HIS A 31 -24.41 -4.66 7.71
N LEU A 32 -23.34 -3.97 7.35
CA LEU A 32 -22.41 -4.48 6.34
C LEU A 32 -21.51 -5.57 6.91
N ARG A 33 -21.40 -5.63 8.24
CA ARG A 33 -20.44 -6.51 8.90
C ARG A 33 -20.67 -7.99 8.64
N ASN A 34 -19.56 -8.72 8.49
CA ASN A 34 -19.61 -10.16 8.26
C ASN A 34 -20.51 -10.54 7.10
N LYS A 35 -20.48 -9.73 6.05
CA LYS A 35 -21.28 -9.98 4.86
C LYS A 35 -20.48 -9.70 3.60
N PRO A 36 -20.87 -10.34 2.48
CA PRO A 36 -20.24 -9.99 1.21
C PRO A 36 -20.53 -8.55 0.91
N CYS A 37 -19.43 -7.85 0.70
CA CYS A 37 -19.43 -6.39 0.72
C CYS A 37 -18.52 -5.83 -0.37
N ALA A 38 -18.80 -4.62 -0.81
CA ALA A 38 -17.79 -3.93 -1.61
C ALA A 38 -18.00 -2.43 -1.55
N VAL A 39 -16.93 -1.68 -1.76
CA VAL A 39 -17.02 -0.23 -1.83
C VAL A 39 -16.92 0.22 -3.28
N VAL A 40 -17.87 1.05 -3.70
CA VAL A 40 -17.92 1.50 -5.08
C VAL A 40 -17.95 3.02 -5.19
N GLN A 41 -17.55 3.53 -6.35
CA GLN A 41 -17.58 4.95 -6.64
C GLN A 41 -18.23 5.17 -8.00
N TYR A 42 -19.02 6.23 -8.12
CA TYR A 42 -19.70 6.57 -9.38
C TYR A 42 -20.71 5.50 -9.78
N LYS A 43 -21.76 5.37 -8.97
CA LYS A 43 -22.79 4.34 -9.13
C LYS A 43 -23.49 4.36 -10.49
N SER A 44 -23.60 5.55 -11.09
CA SER A 44 -24.38 5.71 -12.32
C SER A 44 -23.89 4.87 -13.48
N TRP A 45 -22.59 4.72 -13.61
CA TRP A 45 -22.08 3.93 -14.72
C TRP A 45 -21.82 2.50 -14.29
N LYS A 46 -22.61 1.60 -14.86
CA LYS A 46 -22.43 0.17 -14.68
C LYS A 46 -22.49 -0.19 -13.20
N GLY A 47 -23.35 0.50 -12.47
CA GLY A 47 -23.46 0.25 -11.04
C GLY A 47 -22.30 0.85 -10.25
N GLY A 48 -21.32 1.39 -10.96
CA GLY A 48 -20.15 1.97 -10.32
C GLY A 48 -18.98 1.01 -10.26
N GLY A 49 -17.77 1.56 -10.28
CA GLY A 49 -16.58 0.74 -10.19
C GLY A 49 -16.31 0.27 -8.78
N ILE A 50 -16.01 -1.01 -8.63
CA ILE A 50 -15.66 -1.58 -7.33
C ILE A 50 -14.20 -1.29 -7.02
N ILE A 51 -13.93 -0.68 -5.87
CA ILE A 51 -12.56 -0.35 -5.51
C ILE A 51 -12.08 -1.10 -4.26
N ALA A 52 -13.01 -1.69 -3.52
CA ALA A 52 -12.66 -2.49 -2.35
C ALA A 52 -13.64 -3.64 -2.16
N VAL A 53 -13.13 -4.79 -1.73
CA VAL A 53 -13.95 -6.00 -1.64
C VAL A 53 -13.74 -6.76 -0.34
N SER A 54 -14.83 -7.04 0.37
CA SER A 54 -14.76 -7.83 1.60
C SER A 54 -14.37 -9.26 1.26
N TYR A 55 -13.82 -9.97 2.23
CA TYR A 55 -13.36 -11.33 1.99
C TYR A 55 -14.52 -12.31 1.75
N GLU A 56 -15.67 -12.03 2.36
CA GLU A 56 -16.87 -12.81 2.06
C GLU A 56 -17.22 -12.67 0.59
N ALA A 57 -17.11 -11.44 0.08
CA ALA A 57 -17.43 -11.16 -1.32
C ALA A 57 -16.40 -11.78 -2.27
N ARG A 58 -15.14 -11.79 -1.85
CA ARG A 58 -14.07 -12.35 -2.68
C ARG A 58 -14.28 -13.85 -2.91
N ALA A 59 -14.97 -14.50 -1.98
CA ALA A 59 -15.28 -15.92 -2.11
C ALA A 59 -16.16 -16.15 -3.33
N PHE A 60 -16.99 -15.16 -3.67
CA PHE A 60 -17.87 -15.25 -4.82
C PHE A 60 -17.16 -14.85 -6.11
N GLY A 61 -15.90 -14.46 -5.99
CA GLY A 61 -15.09 -14.10 -7.13
C GLY A 61 -15.15 -12.62 -7.47
N VAL A 62 -15.79 -11.83 -6.61
CA VAL A 62 -15.84 -10.39 -6.80
C VAL A 62 -14.44 -9.80 -6.66
N THR A 63 -14.07 -8.93 -7.59
CA THR A 63 -12.74 -8.33 -7.59
C THR A 63 -12.78 -6.83 -7.77
N ARG A 64 -11.69 -6.18 -7.41
CA ARG A 64 -11.59 -4.74 -7.56
C ARG A 64 -11.55 -4.35 -9.03
N SER A 65 -12.13 -3.21 -9.35
CA SER A 65 -12.14 -2.73 -10.73
C SER A 65 -13.21 -3.45 -11.54
N MET A 66 -14.04 -4.22 -10.86
CA MET A 66 -15.12 -4.95 -11.51
C MET A 66 -16.38 -4.14 -11.36
N TRP A 67 -17.10 -3.94 -12.45
CA TRP A 67 -18.30 -3.12 -12.38
C TRP A 67 -19.27 -3.73 -11.39
N ALA A 68 -19.95 -2.88 -10.62
CA ALA A 68 -20.86 -3.36 -9.58
C ALA A 68 -21.96 -4.23 -10.16
N ASP A 69 -22.47 -3.86 -11.33
CA ASP A 69 -23.50 -4.64 -12.00
C ASP A 69 -23.00 -6.05 -12.30
N ASP A 70 -21.75 -6.15 -12.74
CA ASP A 70 -21.14 -7.44 -13.02
C ASP A 70 -20.92 -8.23 -11.73
N ALA A 71 -20.50 -7.53 -10.68
CA ALA A 71 -20.27 -8.15 -9.38
C ALA A 71 -21.57 -8.73 -8.83
N LYS A 72 -22.67 -8.03 -9.08
CA LYS A 72 -23.98 -8.48 -8.64
C LYS A 72 -24.35 -9.83 -9.24
N LYS A 73 -23.93 -10.03 -10.49
CA LYS A 73 -24.20 -11.28 -11.19
C LYS A 73 -23.53 -12.45 -10.49
N LEU A 74 -22.26 -12.25 -10.09
CA LEU A 74 -21.54 -13.26 -9.33
C LEU A 74 -22.12 -13.39 -7.93
N CYS A 75 -22.41 -12.26 -7.30
CA CYS A 75 -22.88 -12.23 -5.93
C CYS A 75 -24.15 -11.37 -5.81
N PRO A 76 -25.32 -12.02 -5.95
CA PRO A 76 -26.63 -11.35 -5.91
C PRO A 76 -26.88 -10.56 -4.63
N ASP A 77 -26.37 -11.08 -3.50
CA ASP A 77 -26.61 -10.48 -2.20
C ASP A 77 -25.58 -9.42 -1.84
N LEU A 78 -24.61 -9.20 -2.71
CA LEU A 78 -23.50 -8.29 -2.45
C LEU A 78 -24.00 -6.94 -1.94
N LEU A 79 -23.43 -6.49 -0.83
CA LEU A 79 -23.77 -5.18 -0.27
C LEU A 79 -22.78 -4.13 -0.73
N LEU A 80 -23.26 -2.92 -0.98
CA LEU A 80 -22.42 -1.88 -1.55
C LEU A 80 -22.42 -0.61 -0.71
N ALA A 81 -21.22 -0.08 -0.46
CA ALA A 81 -21.06 1.22 0.17
C ALA A 81 -20.46 2.17 -0.85
N GLN A 82 -21.11 3.32 -1.05
CA GLN A 82 -20.68 4.27 -2.08
C GLN A 82 -19.69 5.28 -1.56
N VAL A 83 -18.61 5.48 -2.32
CA VAL A 83 -17.66 6.55 -2.02
C VAL A 83 -18.42 7.87 -2.01
N ARG A 84 -18.13 8.71 -1.04
CA ARG A 84 -18.82 9.98 -0.92
C ARG A 84 -18.53 10.84 -2.14
N GLU A 85 -19.54 11.54 -2.64
CA GLU A 85 -19.31 12.44 -3.74
C GLU A 85 -19.39 13.85 -3.20
N SER A 86 -18.31 14.59 -3.37
CA SER A 86 -18.31 16.01 -3.03
C SER A 86 -17.89 16.85 -4.23
N ARG A 87 -18.68 17.85 -4.56
CA ARG A 87 -18.37 18.71 -5.70
C ARG A 87 -18.27 17.93 -6.99
N GLY A 88 -19.12 16.92 -7.14
CA GLY A 88 -19.18 16.17 -8.38
C GLY A 88 -18.07 15.17 -8.57
N LYS A 89 -17.30 14.91 -7.52
CA LYS A 89 -16.21 13.94 -7.59
C LYS A 89 -16.11 13.11 -6.32
N ALA A 90 -15.54 11.92 -6.45
CA ALA A 90 -15.32 11.05 -5.30
C ALA A 90 -14.45 11.75 -4.28
N ASN A 91 -14.84 11.63 -3.01
CA ASN A 91 -14.10 12.20 -1.89
C ASN A 91 -13.60 11.05 -1.04
N LEU A 92 -12.30 11.02 -0.77
CA LEU A 92 -11.72 9.92 -0.01
C LEU A 92 -11.39 10.30 1.44
N THR A 93 -12.00 11.37 1.93
CA THR A 93 -11.67 11.90 3.25
C THR A 93 -11.85 10.91 4.39
N LYS A 94 -12.95 10.17 4.39
CA LYS A 94 -13.24 9.23 5.46
C LYS A 94 -12.13 8.20 5.61
N TYR A 95 -11.62 7.73 4.47
CA TYR A 95 -10.60 6.69 4.45
C TYR A 95 -9.23 7.25 4.83
N ARG A 96 -8.95 8.48 4.42
CA ARG A 96 -7.73 9.16 4.81
C ARG A 96 -7.71 9.37 6.31
N GLU A 97 -8.82 9.82 6.87
CA GLU A 97 -8.94 10.05 8.30
C GLU A 97 -8.86 8.74 9.07
N ALA A 98 -9.49 7.70 8.53
CA ALA A 98 -9.40 6.38 9.12
C ALA A 98 -7.96 5.89 9.11
N SER A 99 -7.26 6.19 8.03
CA SER A 99 -5.85 5.83 7.89
C SER A 99 -5.03 6.48 8.99
N VAL A 100 -5.34 7.74 9.29
CA VAL A 100 -4.63 8.48 10.33
C VAL A 100 -4.78 7.79 11.70
N GLU A 101 -5.96 7.26 11.97
CA GLU A 101 -6.19 6.52 13.20
C GLU A 101 -5.17 5.39 13.33
N VAL A 102 -5.02 4.62 12.26
CA VAL A 102 -4.10 3.48 12.26
C VAL A 102 -2.65 3.93 12.34
N MET A 103 -2.29 4.93 11.54
CA MET A 103 -0.92 5.43 11.49
C MET A 103 -0.44 5.96 12.84
N GLU A 104 -1.31 6.72 13.50
CA GLU A 104 -0.98 7.31 14.79
C GLU A 104 -0.72 6.24 15.85
N ILE A 105 -1.52 5.19 15.84
CA ILE A 105 -1.35 4.07 16.77
C ILE A 105 -0.01 3.38 16.53
N MET A 106 0.29 3.11 15.27
CA MET A 106 1.54 2.45 14.91
C MET A 106 2.75 3.30 15.26
N SER A 107 2.62 4.60 15.12
CA SER A 107 3.70 5.53 15.42
C SER A 107 4.17 5.43 16.87
N ARG A 108 3.28 4.96 17.74
CA ARG A 108 3.59 4.84 19.16
C ARG A 108 4.70 3.82 19.38
N PHE A 109 4.66 2.73 18.61
CA PHE A 109 5.57 1.62 18.80
C PHE A 109 6.94 1.81 18.16
N ALA A 110 6.96 2.35 16.95
CA ALA A 110 8.22 2.48 16.22
C ALA A 110 8.17 3.50 15.08
N VAL A 111 9.33 3.75 14.49
CA VAL A 111 9.44 4.67 13.36
C VAL A 111 8.78 4.08 12.13
N ILE A 112 7.73 4.73 11.64
CA ILE A 112 6.95 4.19 10.54
C ILE A 112 7.06 4.99 9.25
N GLU A 113 6.93 4.27 8.14
CA GLU A 113 6.87 4.79 6.79
C GLU A 113 5.50 4.50 6.21
N ARG A 114 4.78 5.55 5.82
CA ARG A 114 3.46 5.40 5.25
C ARG A 114 3.54 4.96 3.79
N ALA A 115 3.49 3.64 3.56
CA ALA A 115 3.60 3.09 2.22
C ALA A 115 2.34 3.36 1.41
N SER A 116 1.19 3.35 2.08
CA SER A 116 -0.08 3.61 1.42
C SER A 116 -1.11 4.07 2.44
N ILE A 117 -2.34 4.29 1.97
CA ILE A 117 -3.41 4.73 2.85
C ILE A 117 -3.71 3.67 3.91
N ASP A 118 -3.54 2.40 3.55
CA ASP A 118 -3.91 1.35 4.49
C ASP A 118 -2.72 0.53 5.00
N GLU A 119 -1.50 0.98 4.72
CA GLU A 119 -0.34 0.25 5.21
C GLU A 119 0.88 1.13 5.49
N ALA A 120 1.73 0.65 6.38
CA ALA A 120 2.97 1.34 6.73
C ALA A 120 4.05 0.35 7.14
N TYR A 121 5.29 0.67 6.80
CA TYR A 121 6.43 -0.15 7.21
C TYR A 121 6.94 0.31 8.57
N VAL A 122 7.47 -0.63 9.35
CA VAL A 122 8.00 -0.32 10.67
C VAL A 122 9.37 -0.95 10.86
N ASP A 123 10.33 -0.15 11.30
CA ASP A 123 11.64 -0.69 11.65
C ASP A 123 11.68 -0.93 13.16
N LEU A 124 11.69 -2.21 13.54
CA LEU A 124 11.58 -2.59 14.94
C LEU A 124 12.92 -3.01 15.53
N THR A 125 14.01 -2.73 14.81
CA THR A 125 15.33 -3.15 15.27
C THR A 125 15.65 -2.62 16.66
N SER A 126 15.47 -1.32 16.86
CA SER A 126 15.72 -0.71 18.17
C SER A 126 14.78 -1.26 19.25
N ALA A 127 13.50 -1.35 18.92
CA ALA A 127 12.50 -1.85 19.86
C ALA A 127 12.81 -3.29 20.27
N VAL A 128 13.29 -4.09 19.32
CA VAL A 128 13.59 -5.49 19.59
C VAL A 128 14.75 -5.69 20.57
N GLN A 129 15.83 -4.93 20.40
CA GLN A 129 16.98 -5.06 21.28
C GLN A 129 16.59 -4.70 22.71
N GLU A 130 15.80 -3.64 22.85
CA GLU A 130 15.33 -3.20 24.16
C GLU A 130 14.44 -4.26 24.80
N ARG A 131 13.56 -4.85 24.01
CA ARG A 131 12.65 -5.88 24.52
C ARG A 131 13.43 -7.15 24.87
N LEU A 132 14.43 -7.46 24.08
CA LEU A 132 15.29 -8.60 24.34
C LEU A 132 16.01 -8.38 25.66
N GLN A 133 16.47 -7.15 25.88
CA GLN A 133 17.11 -6.76 27.12
C GLN A 133 16.15 -6.85 28.29
N LYS A 134 14.91 -6.43 28.07
CA LYS A 134 13.88 -6.42 29.11
C LYS A 134 13.55 -7.82 29.62
N LEU A 135 13.43 -8.77 28.70
CA LEU A 135 13.22 -10.14 29.12
C LEU A 135 14.54 -10.83 28.91
N GLN A 136 15.11 -11.37 29.98
CA GLN A 136 16.45 -11.90 29.92
C GLN A 136 16.48 -13.40 30.11
N GLY A 137 17.09 -14.08 29.15
CA GLY A 137 17.18 -15.52 29.20
C GLY A 137 15.78 -16.04 29.34
N GLN A 138 14.85 -15.35 28.68
CA GLN A 138 13.46 -15.67 28.80
C GLN A 138 12.97 -16.32 27.53
N PRO A 139 12.42 -17.51 27.66
CA PRO A 139 11.90 -18.25 26.50
C PRO A 139 10.60 -17.61 26.03
N ILE A 140 10.41 -17.55 24.71
CA ILE A 140 9.24 -16.91 24.16
C ILE A 140 8.08 -17.88 24.00
N SER A 141 6.99 -17.61 24.71
CA SER A 141 5.82 -18.48 24.69
C SER A 141 5.04 -18.38 23.38
N ALA A 142 4.37 -19.46 23.02
CA ALA A 142 3.54 -19.48 21.82
C ALA A 142 2.35 -18.53 21.98
N ASP A 143 1.93 -18.34 23.23
CA ASP A 143 0.79 -17.47 23.53
C ASP A 143 1.07 -16.04 23.09
N LEU A 144 2.34 -15.66 23.05
CA LEU A 144 2.72 -14.31 22.65
C LEU A 144 2.61 -14.14 21.14
N LEU A 145 2.42 -15.26 20.44
CA LEU A 145 2.30 -15.23 18.99
C LEU A 145 1.05 -16.00 18.53
N PRO A 146 -0.13 -15.52 18.94
CA PRO A 146 -1.40 -16.20 18.67
C PRO A 146 -1.79 -16.20 17.19
N SER A 147 -1.41 -15.16 16.46
CA SER A 147 -1.79 -15.05 15.05
C SER A 147 -0.60 -15.18 14.11
N THR A 148 0.54 -15.61 14.63
CA THR A 148 1.77 -15.67 13.83
C THR A 148 1.95 -16.99 13.08
N TYR A 149 2.39 -16.87 11.83
CA TYR A 149 2.75 -18.02 11.00
C TYR A 149 4.24 -18.02 10.74
N ILE A 150 4.86 -19.20 10.79
CA ILE A 150 6.25 -19.33 10.39
C ILE A 150 6.32 -19.96 9.01
N GLU A 151 6.67 -19.16 8.00
CA GLU A 151 6.74 -19.64 6.63
C GLU A 151 7.73 -20.79 6.49
N GLY A 152 7.32 -21.85 5.81
CA GLY A 152 8.15 -23.02 5.61
C GLY A 152 7.97 -24.07 6.69
N LEU A 153 7.21 -23.71 7.72
CA LEU A 153 6.92 -24.64 8.80
C LEU A 153 5.40 -24.82 8.94
N PRO A 154 4.96 -26.00 9.42
CA PRO A 154 5.83 -27.09 9.87
C PRO A 154 6.44 -27.87 8.70
N GLN A 155 7.52 -28.57 8.99
CA GLN A 155 8.22 -29.36 7.99
C GLN A 155 8.80 -30.64 8.60
N GLY A 156 9.66 -31.31 7.85
CA GLY A 156 10.28 -32.53 8.33
C GLY A 156 9.34 -33.35 9.19
N GLU A 161 -2.63 -35.42 13.99
CA GLU A 161 -3.48 -35.34 12.81
C GLU A 161 -4.18 -33.99 12.73
N GLU A 162 -3.86 -33.11 13.67
CA GLU A 162 -4.44 -31.77 13.70
C GLU A 162 -3.97 -30.95 12.51
N THR A 163 -3.01 -31.49 11.78
CA THR A 163 -2.47 -30.83 10.59
C THR A 163 -3.55 -30.61 9.53
N VAL A 164 -4.63 -31.38 9.62
CA VAL A 164 -5.75 -31.24 8.69
C VAL A 164 -6.36 -29.86 8.79
N GLN A 165 -6.40 -29.33 10.00
CA GLN A 165 -6.93 -27.99 10.26
C GLN A 165 -5.82 -26.95 10.14
N LYS A 166 -6.15 -25.78 9.60
CA LYS A 166 -5.15 -24.74 9.39
C LYS A 166 -4.54 -24.25 10.70
N GLU A 167 -5.37 -24.07 11.72
CA GLU A 167 -4.88 -23.63 13.01
C GLU A 167 -3.92 -24.64 13.61
N GLY A 168 -4.23 -25.93 13.44
CA GLY A 168 -3.35 -26.99 13.89
C GLY A 168 -2.01 -26.91 13.20
N MET A 169 -2.02 -26.71 11.89
CA MET A 169 -0.79 -26.58 11.13
C MET A 169 0.01 -25.36 11.57
N ARG A 170 -0.69 -24.26 11.84
CA ARG A 170 -0.03 -23.06 12.34
C ARG A 170 0.63 -23.32 13.68
N LYS A 171 -0.07 -24.03 14.56
CA LYS A 171 0.47 -24.34 15.88
C LYS A 171 1.70 -25.24 15.81
N GLN A 172 1.64 -26.24 14.94
CA GLN A 172 2.75 -27.15 14.73
C GLN A 172 3.98 -26.43 14.18
N GLY A 173 3.75 -25.61 13.17
CA GLY A 173 4.83 -24.83 12.57
C GLY A 173 5.47 -23.91 13.58
N LEU A 174 4.63 -23.20 14.34
CA LEU A 174 5.11 -22.28 15.35
C LEU A 174 5.92 -23.02 16.42
N PHE A 175 5.42 -24.16 16.87
CA PHE A 175 6.11 -24.94 17.88
C PHE A 175 7.47 -25.43 17.40
N GLN A 176 7.52 -25.92 16.16
CA GLN A 176 8.78 -26.35 15.58
C GLN A 176 9.78 -25.20 15.59
N TRP A 177 9.31 -24.01 15.24
CA TRP A 177 10.15 -22.82 15.20
C TRP A 177 10.67 -22.45 16.58
N LEU A 178 9.77 -22.40 17.56
CA LEU A 178 10.13 -21.99 18.91
C LEU A 178 11.07 -22.98 19.59
N ASP A 179 10.79 -24.26 19.45
CA ASP A 179 11.67 -25.29 20.00
C ASP A 179 13.08 -25.16 19.43
N SER A 180 13.16 -24.84 18.15
CA SER A 180 14.43 -24.66 17.46
C SER A 180 15.20 -23.45 17.99
N LEU A 181 14.46 -22.42 18.42
CA LEU A 181 15.06 -21.15 18.83
C LEU A 181 16.03 -21.27 19.99
N GLN A 182 17.13 -20.51 19.89
CA GLN A 182 18.14 -20.44 20.93
C GLN A 182 18.12 -19.04 21.54
N ILE A 183 17.38 -18.88 22.63
CA ILE A 183 17.17 -17.58 23.25
C ILE A 183 18.36 -17.09 24.05
N ASP A 184 19.30 -17.98 24.34
CA ASP A 184 20.48 -17.61 25.11
C ASP A 184 21.44 -16.78 24.27
N ASN A 185 21.03 -16.49 23.04
CA ASN A 185 21.84 -15.71 22.11
C ASN A 185 21.09 -14.48 21.63
N LEU A 186 21.49 -13.31 22.09
CA LEU A 186 20.80 -12.08 21.75
C LEU A 186 21.00 -11.68 20.30
N THR A 187 22.18 -11.95 19.77
CA THR A 187 22.53 -11.59 18.41
C THR A 187 21.63 -12.26 17.37
N SER A 188 21.21 -13.49 17.64
CA SER A 188 20.54 -14.28 16.60
C SER A 188 19.40 -13.55 15.88
N PRO A 189 19.48 -13.49 14.55
CA PRO A 189 18.46 -12.87 13.68
C PRO A 189 17.09 -13.51 13.83
N ASP A 190 17.03 -14.83 13.87
CA ASP A 190 15.76 -15.54 14.02
C ASP A 190 15.07 -15.14 15.32
N LEU A 191 15.85 -15.10 16.39
CA LEU A 191 15.32 -14.67 17.69
C LEU A 191 14.80 -13.24 17.59
N GLN A 192 15.55 -12.39 16.90
CA GLN A 192 15.17 -11.00 16.73
C GLN A 192 13.87 -10.87 15.96
N LEU A 193 13.73 -11.66 14.89
CA LEU A 193 12.50 -11.69 14.13
C LEU A 193 11.34 -12.14 15.01
N THR A 194 11.59 -13.15 15.84
CA THR A 194 10.57 -13.70 16.72
C THR A 194 10.06 -12.65 17.71
N VAL A 195 10.99 -11.94 18.34
CA VAL A 195 10.63 -10.87 19.26
C VAL A 195 9.90 -9.76 18.52
N GLY A 196 10.36 -9.47 17.31
CA GLY A 196 9.70 -8.50 16.45
C GLY A 196 8.27 -8.91 16.19
N ALA A 197 8.06 -10.21 16.00
CA ALA A 197 6.73 -10.76 15.76
C ALA A 197 5.83 -10.56 16.97
N VAL A 198 6.42 -10.72 18.17
CA VAL A 198 5.68 -10.51 19.41
C VAL A 198 5.15 -9.07 19.47
N ILE A 199 6.01 -8.12 19.16
CA ILE A 199 5.63 -6.71 19.16
C ILE A 199 4.55 -6.43 18.12
N VAL A 200 4.68 -7.04 16.95
CA VAL A 200 3.69 -6.88 15.89
C VAL A 200 2.32 -7.40 16.34
N GLU A 201 2.33 -8.50 17.08
CA GLU A 201 1.09 -9.01 17.68
C GLU A 201 0.46 -7.93 18.55
N GLU A 202 1.29 -7.31 19.37
CA GLU A 202 0.83 -6.25 20.26
C GLU A 202 0.37 -5.04 19.46
N MET A 203 1.11 -4.71 18.43
CA MET A 203 0.76 -3.58 17.57
C MET A 203 -0.57 -3.81 16.88
N ARG A 204 -0.79 -5.04 16.40
CA ARG A 204 -2.02 -5.39 15.70
C ARG A 204 -3.22 -5.48 16.64
N ALA A 205 -3.00 -5.94 17.86
CA ALA A 205 -4.05 -6.00 18.85
C ALA A 205 -4.50 -4.58 19.22
N ALA A 206 -3.51 -3.70 19.37
CA ALA A 206 -3.79 -2.31 19.68
C ALA A 206 -4.59 -1.64 18.57
N ILE A 207 -4.24 -1.94 17.33
CA ILE A 207 -4.96 -1.39 16.18
C ILE A 207 -6.41 -1.83 16.18
N GLU A 208 -6.64 -3.13 16.34
CA GLU A 208 -8.00 -3.66 16.33
C GLU A 208 -8.82 -3.14 17.51
N ARG A 209 -8.24 -3.16 18.70
CA ARG A 209 -8.93 -2.71 19.89
C ARG A 209 -9.30 -1.23 19.84
N GLU A 210 -8.41 -0.41 19.27
CA GLU A 210 -8.61 1.03 19.27
C GLU A 210 -9.38 1.57 18.06
N THR A 211 -9.37 0.84 16.95
CA THR A 211 -10.09 1.29 15.77
C THR A 211 -11.19 0.31 15.32
N GLY A 212 -11.07 -0.95 15.71
CA GLY A 212 -12.01 -1.96 15.27
C GLY A 212 -11.63 -2.50 13.90
N PHE A 213 -10.48 -2.07 13.40
CA PHE A 213 -10.00 -2.51 12.10
C PHE A 213 -9.03 -3.67 12.26
N GLN A 214 -9.27 -4.75 11.53
CA GLN A 214 -8.35 -5.88 11.52
C GLN A 214 -7.28 -5.70 10.44
N CYS A 215 -6.08 -6.18 10.72
CA CYS A 215 -4.97 -6.03 9.79
C CYS A 215 -4.08 -7.27 9.77
N SER A 216 -3.21 -7.33 8.78
CA SER A 216 -2.23 -8.41 8.68
C SER A 216 -0.84 -7.80 8.61
N ALA A 217 0.18 -8.60 8.92
CA ALA A 217 1.54 -8.08 8.92
C ALA A 217 2.57 -9.12 8.50
N GLY A 218 3.68 -8.63 7.96
CA GLY A 218 4.81 -9.47 7.63
C GLY A 218 6.02 -9.00 8.42
N ILE A 219 6.71 -9.94 9.07
CA ILE A 219 7.92 -9.61 9.80
C ILE A 219 9.12 -10.25 9.13
N SER A 220 10.08 -9.42 8.74
CA SER A 220 11.29 -9.92 8.08
C SER A 220 12.45 -8.95 8.29
N HIS A 221 13.55 -9.18 7.57
CA HIS A 221 14.74 -8.36 7.73
C HIS A 221 14.77 -7.17 6.78
N ASN A 222 13.79 -7.10 5.88
CA ASN A 222 13.70 -5.99 4.94
C ASN A 222 12.26 -5.73 4.47
N LYS A 223 12.07 -4.60 3.78
CA LYS A 223 10.73 -4.17 3.38
C LYS A 223 10.07 -5.12 2.38
N VAL A 224 10.81 -5.54 1.36
CA VAL A 224 10.26 -6.44 0.35
C VAL A 224 9.77 -7.75 0.95
N LEU A 225 10.60 -8.36 1.80
CA LEU A 225 10.25 -9.62 2.43
C LEU A 225 9.09 -9.47 3.42
N ALA A 226 9.07 -8.36 4.16
CA ALA A 226 7.99 -8.09 5.09
C ALA A 226 6.67 -7.96 4.34
N LYS A 227 6.70 -7.21 3.24
CA LYS A 227 5.52 -7.00 2.41
C LYS A 227 5.01 -8.32 1.82
N LEU A 228 5.92 -9.11 1.27
CA LEU A 228 5.58 -10.41 0.70
C LEU A 228 4.98 -11.31 1.77
N ALA A 229 5.62 -11.32 2.94
CA ALA A 229 5.17 -12.15 4.05
C ALA A 229 3.75 -11.80 4.51
N CYS A 230 3.48 -10.50 4.57
CA CYS A 230 2.18 -10.01 5.02
C CYS A 230 1.03 -10.61 4.21
N GLY A 231 1.24 -10.74 2.90
CA GLY A 231 0.20 -11.24 2.02
C GLY A 231 -0.06 -12.73 2.16
N LEU A 232 0.93 -13.46 2.67
CA LEU A 232 0.88 -14.91 2.71
C LEU A 232 -0.28 -15.49 3.53
N ASN A 233 -0.63 -14.85 4.63
CA ASN A 233 -1.67 -15.39 5.50
C ASN A 233 -2.83 -14.45 5.82
N LYS A 234 -3.03 -13.43 4.97
CA LYS A 234 -4.21 -12.58 5.08
C LYS A 234 -5.47 -13.45 4.99
N PRO A 235 -6.55 -13.03 5.66
CA PRO A 235 -6.61 -11.82 6.48
C PRO A 235 -6.50 -12.10 7.99
N ASN A 236 -6.32 -11.04 8.76
CA ASN A 236 -6.28 -11.12 10.23
C ASN A 236 -5.18 -12.04 10.76
N ARG A 237 -4.07 -12.13 10.03
CA ARG A 237 -2.95 -12.97 10.43
C ARG A 237 -1.63 -12.30 10.10
N GLN A 238 -0.58 -12.67 10.83
CA GLN A 238 0.75 -12.15 10.55
C GLN A 238 1.74 -13.28 10.28
N THR A 239 2.64 -13.05 9.33
CA THR A 239 3.56 -14.09 8.91
C THR A 239 5.01 -13.64 9.09
N LEU A 240 5.81 -14.50 9.71
CA LEU A 240 7.23 -14.25 9.89
C LEU A 240 8.01 -14.98 8.79
N VAL A 241 8.68 -14.22 7.94
CA VAL A 241 9.54 -14.80 6.93
C VAL A 241 11.00 -14.67 7.34
N SER A 242 11.60 -15.78 7.73
CA SER A 242 12.99 -15.79 8.16
C SER A 242 13.91 -15.74 6.95
N HIS A 243 15.29 -15.59 7.28
CA HIS A 243 16.31 -15.60 6.23
C HIS A 243 16.45 -17.00 5.65
N GLY A 244 16.41 -18.00 6.52
CA GLY A 244 16.59 -19.38 6.10
C GLY A 244 15.48 -19.91 5.20
N SER A 245 14.28 -19.35 5.35
CA SER A 245 13.13 -19.83 4.61
C SER A 245 13.12 -19.33 3.16
N VAL A 246 14.00 -18.39 2.86
CA VAL A 246 14.01 -17.72 1.56
C VAL A 246 14.20 -18.66 0.35
N PRO A 247 15.22 -19.54 0.41
CA PRO A 247 15.46 -20.42 -0.74
C PRO A 247 14.22 -21.22 -1.16
N GLN A 248 13.59 -21.91 -0.21
CA GLN A 248 12.39 -22.70 -0.52
C GLN A 248 11.23 -21.79 -0.95
N LEU A 249 11.06 -20.68 -0.25
CA LEU A 249 10.00 -19.72 -0.56
C LEU A 249 10.17 -19.14 -1.95
N PHE A 250 11.38 -18.69 -2.27
CA PHE A 250 11.65 -18.06 -3.56
C PHE A 250 11.70 -19.06 -4.72
N SER A 251 11.91 -20.33 -4.40
CA SER A 251 12.09 -21.35 -5.43
C SER A 251 10.89 -21.46 -6.37
N GLN A 252 9.69 -21.33 -5.82
CA GLN A 252 8.49 -21.37 -6.63
C GLN A 252 7.77 -20.03 -6.72
N MET A 253 8.43 -18.97 -6.27
CA MET A 253 7.82 -17.64 -6.21
C MET A 253 7.95 -16.91 -7.54
N PRO A 254 6.82 -16.64 -8.19
CA PRO A 254 6.84 -15.89 -9.46
C PRO A 254 7.52 -14.54 -9.26
N ILE A 255 8.35 -14.15 -10.22
CA ILE A 255 9.10 -12.90 -10.12
C ILE A 255 8.21 -11.68 -9.92
N ARG A 256 7.04 -11.71 -10.53
CA ARG A 256 6.14 -10.57 -10.49
C ARG A 256 5.74 -10.28 -9.05
N LYS A 257 5.78 -11.31 -8.23
CA LYS A 257 5.30 -11.21 -6.85
C LYS A 257 6.09 -10.22 -6.04
N ILE A 258 7.40 -10.18 -6.27
CA ILE A 258 8.28 -9.27 -5.53
C ILE A 258 7.95 -7.83 -5.86
N ARG A 259 7.94 -6.98 -4.83
CA ARG A 259 7.59 -5.59 -5.03
C ARG A 259 8.50 -4.93 -6.03
N SER A 260 7.89 -4.20 -6.95
CA SER A 260 8.62 -3.45 -7.98
C SER A 260 8.95 -4.29 -9.21
N LEU A 261 8.70 -5.60 -9.13
CA LEU A 261 8.91 -6.49 -10.26
C LEU A 261 7.59 -6.86 -10.91
N GLY A 262 6.54 -6.14 -10.55
CA GLY A 262 5.21 -6.43 -11.05
C GLY A 262 4.95 -5.95 -12.47
N GLY A 263 5.75 -5.00 -12.93
CA GLY A 263 5.53 -4.39 -14.24
C GLY A 263 6.50 -4.82 -15.33
N LYS A 264 6.96 -3.82 -16.09
CA LYS A 264 7.83 -4.07 -17.25
C LYS A 264 9.16 -4.72 -16.87
N LEU A 265 9.80 -4.20 -15.82
CA LEU A 265 11.09 -4.72 -15.39
C LEU A 265 11.00 -6.21 -15.07
N GLY A 266 9.98 -6.58 -14.31
CA GLY A 266 9.75 -7.98 -13.98
C GLY A 266 9.58 -8.81 -15.24
N ALA A 267 8.88 -8.25 -16.21
CA ALA A 267 8.64 -8.94 -17.48
C ALA A 267 9.93 -9.12 -18.27
N SER A 268 10.74 -8.07 -18.34
CA SER A 268 12.02 -8.13 -19.04
C SER A 268 12.96 -9.09 -18.34
N VAL A 269 12.97 -9.04 -17.02
CA VAL A 269 13.76 -9.98 -16.22
C VAL A 269 13.42 -11.41 -16.61
N ILE A 270 12.13 -11.70 -16.65
CA ILE A 270 11.64 -13.03 -17.04
C ILE A 270 11.98 -13.33 -18.50
N GLU A 271 11.71 -12.37 -19.37
CA GLU A 271 11.95 -12.50 -20.81
C GLU A 271 13.41 -12.63 -21.25
N ILE A 272 14.29 -11.85 -20.64
CA ILE A 272 15.71 -11.85 -21.02
C ILE A 272 16.47 -13.04 -20.46
N LEU A 273 16.15 -13.41 -19.22
CA LEU A 273 16.86 -14.49 -18.53
C LEU A 273 16.18 -15.85 -18.69
N GLY A 274 14.89 -15.98 -19.22
CA GLY A 274 14.13 -17.20 -19.42
C GLY A 274 13.84 -17.95 -18.12
N ILE A 275 13.47 -17.20 -17.08
CA ILE A 275 13.16 -17.80 -15.79
C ILE A 275 11.79 -17.34 -15.28
N GLU A 276 11.20 -18.15 -14.40
CA GLU A 276 9.90 -17.80 -13.82
C GLU A 276 9.92 -17.50 -12.32
N TYR A 277 10.94 -17.95 -11.62
CA TYR A 277 10.98 -17.83 -10.17
C TYR A 277 12.13 -16.96 -9.63
N MET A 278 11.89 -16.30 -8.50
CA MET A 278 12.90 -15.44 -7.88
C MET A 278 14.20 -16.18 -7.61
N GLY A 279 14.09 -17.42 -7.16
CA GLY A 279 15.25 -18.21 -6.80
C GLY A 279 16.22 -18.42 -7.95
N GLU A 280 15.68 -18.54 -9.16
CA GLU A 280 16.50 -18.80 -10.33
C GLU A 280 17.49 -17.66 -10.59
N LEU A 281 17.24 -16.51 -9.98
CA LEU A 281 18.12 -15.35 -10.16
C LEU A 281 19.51 -15.57 -9.58
N THR A 282 19.62 -16.50 -8.63
CA THR A 282 20.89 -16.78 -7.97
C THR A 282 21.94 -17.30 -8.96
N GLN A 283 21.49 -17.89 -10.05
CA GLN A 283 22.42 -18.50 -10.99
C GLN A 283 23.39 -17.46 -11.52
N PHE A 284 22.88 -16.25 -11.71
CA PHE A 284 23.56 -15.23 -12.50
C PHE A 284 24.50 -14.38 -11.67
N THR A 285 25.64 -14.02 -12.26
CA THR A 285 26.59 -13.14 -11.59
C THR A 285 25.98 -11.74 -11.50
N GLU A 286 26.46 -10.97 -10.54
CA GLU A 286 25.99 -9.60 -10.36
C GLU A 286 26.22 -8.79 -11.62
N SER A 287 27.36 -9.02 -12.25
CA SER A 287 27.70 -8.35 -13.51
C SER A 287 26.70 -8.72 -14.61
N GLN A 288 26.46 -9.93 -14.66
CA GLN A 288 25.53 -10.42 -15.66
C GLN A 288 24.18 -9.70 -15.56
N LEU A 289 23.66 -9.63 -14.34
CA LEU A 289 22.38 -8.96 -14.10
C LEU A 289 22.50 -7.47 -14.39
N GLN A 290 23.62 -6.88 -14.00
CA GLN A 290 23.87 -5.47 -14.23
C GLN A 290 23.89 -5.12 -15.71
N SER A 291 24.49 -6.00 -16.51
CA SER A 291 24.63 -5.80 -17.95
C SER A 291 23.29 -5.72 -18.68
N HIS A 292 22.35 -6.56 -18.26
CA HIS A 292 21.01 -6.59 -18.87
C HIS A 292 20.09 -5.51 -18.35
N PHE A 293 20.10 -5.33 -17.03
CA PHE A 293 19.20 -4.41 -16.36
C PHE A 293 19.86 -3.17 -15.73
N GLY A 294 21.14 -2.97 -15.99
CA GLY A 294 21.82 -1.78 -15.53
C GLY A 294 22.35 -1.81 -14.10
N GLU A 295 23.00 -0.71 -13.72
CA GLU A 295 23.68 -0.59 -12.44
C GLU A 295 22.83 -0.67 -11.17
N LYS A 296 21.67 -0.01 -11.13
CA LYS A 296 20.88 -0.01 -9.91
C LYS A 296 19.94 -1.20 -9.81
N ASN A 297 19.25 -1.49 -10.90
CA ASN A 297 18.34 -2.63 -10.97
C ASN A 297 19.04 -3.98 -10.81
N GLY A 298 20.19 -4.09 -11.46
CA GLY A 298 20.98 -5.31 -11.43
C GLY A 298 21.46 -5.66 -10.04
N SER A 299 22.00 -4.67 -9.34
CA SER A 299 22.45 -4.86 -7.97
C SER A 299 21.28 -5.22 -7.07
N TRP A 300 20.16 -4.53 -7.26
CA TRP A 300 18.97 -4.79 -6.48
C TRP A 300 18.43 -6.20 -6.70
N LEU A 301 18.41 -6.64 -7.96
CA LEU A 301 17.96 -7.98 -8.29
C LEU A 301 18.88 -9.06 -7.74
N TYR A 302 20.19 -8.83 -7.86
CA TYR A 302 21.17 -9.80 -7.38
C TYR A 302 21.03 -10.04 -5.88
N ALA A 303 20.91 -8.96 -5.12
CA ALA A 303 20.76 -9.05 -3.67
C ALA A 303 19.38 -9.56 -3.28
N MET A 304 18.36 -9.11 -4.01
CA MET A 304 16.97 -9.39 -3.66
C MET A 304 16.60 -10.87 -3.79
N CYS A 305 17.06 -11.52 -4.85
CA CYS A 305 16.77 -12.93 -5.05
C CYS A 305 17.44 -13.77 -3.96
N ARG A 306 18.35 -13.14 -3.23
CA ARG A 306 19.04 -13.78 -2.13
C ARG A 306 18.41 -13.39 -0.80
N GLY A 307 17.27 -12.72 -0.88
CA GLY A 307 16.55 -12.28 0.31
C GLY A 307 17.19 -11.09 0.98
N ILE A 308 18.02 -10.37 0.22
CA ILE A 308 18.73 -9.22 0.75
C ILE A 308 18.31 -7.92 0.06
N GLU A 309 17.88 -6.95 0.85
CA GLU A 309 17.53 -5.64 0.36
C GLU A 309 18.05 -4.61 1.35
N HIS A 310 18.45 -3.44 0.86
CA HIS A 310 18.92 -2.42 1.77
C HIS A 310 18.05 -1.19 1.87
N ASP A 311 17.00 -1.12 1.04
CA ASP A 311 16.12 0.04 1.09
C ASP A 311 15.66 0.27 2.52
N PRO A 312 15.98 1.44 3.08
CA PRO A 312 15.66 1.77 4.46
C PRO A 312 14.19 2.11 4.64
N VAL A 313 13.67 1.91 5.84
CA VAL A 313 12.34 2.36 6.18
C VAL A 313 12.39 3.86 6.43
N LYS A 314 11.91 4.63 5.45
CA LYS A 314 11.94 6.08 5.55
C LYS A 314 11.04 6.55 6.69
N PRO A 315 11.52 7.53 7.48
CA PRO A 315 10.70 8.17 8.51
C PRO A 315 9.77 9.20 7.88
N ARG A 316 8.66 8.71 7.33
CA ARG A 316 7.67 9.55 6.68
C ARG A 316 6.24 9.20 7.08
N GLN A 317 5.82 9.57 8.28
CA GLN A 317 4.47 9.26 8.73
C GLN A 317 3.45 9.94 7.83
N LEU A 318 3.79 11.16 7.40
CA LEU A 318 2.90 12.03 6.62
C LEU A 318 3.30 12.15 5.14
N PRO A 319 2.31 12.07 4.25
CA PRO A 319 2.55 12.07 2.81
C PRO A 319 3.18 13.34 2.24
N LYS A 320 4.06 13.17 1.26
CA LYS A 320 4.77 14.25 0.59
C LYS A 320 3.93 15.24 -0.22
N THR A 321 2.93 14.74 -0.95
CA THR A 321 2.10 15.62 -1.78
C THR A 321 0.61 15.40 -1.61
N ILE A 322 -0.17 16.44 -1.92
CA ILE A 322 -1.62 16.39 -1.79
C ILE A 322 -2.24 16.70 -3.14
N GLY A 323 -2.96 15.74 -3.72
CA GLY A 323 -3.43 15.87 -5.08
C GLY A 323 -4.90 15.64 -5.36
N CYS A 324 -5.40 16.36 -6.35
CA CYS A 324 -6.77 16.24 -6.80
C CYS A 324 -6.83 15.90 -8.29
N SER A 325 -7.60 14.89 -8.64
CA SER A 325 -7.73 14.53 -10.05
C SER A 325 -9.12 14.03 -10.39
N LYS A 326 -9.50 14.17 -11.65
CA LYS A 326 -10.74 13.58 -12.15
C LYS A 326 -10.59 13.18 -13.61
N ASN A 327 -11.39 12.22 -14.03
CA ASN A 327 -11.35 11.74 -15.41
C ASN A 327 -12.64 12.00 -16.16
N PHE A 328 -12.49 12.40 -17.42
CA PHE A 328 -13.61 12.70 -18.28
C PHE A 328 -13.38 11.89 -19.54
N PRO A 329 -13.59 10.58 -19.39
CA PRO A 329 -13.37 9.59 -20.44
C PRO A 329 -14.34 9.71 -21.61
N GLY A 330 -13.88 9.35 -22.79
CA GLY A 330 -14.77 9.23 -23.92
C GLY A 330 -15.53 10.49 -24.20
N LYS A 331 -16.85 10.35 -24.28
CA LYS A 331 -17.72 11.46 -24.60
C LYS A 331 -17.62 12.56 -23.56
N THR A 332 -17.48 12.18 -22.29
CA THR A 332 -17.54 13.18 -21.23
C THR A 332 -16.38 14.18 -21.27
N ALA A 333 -15.43 13.97 -22.16
CA ALA A 333 -14.28 14.87 -22.28
C ALA A 333 -14.74 16.32 -22.41
N LEU A 334 -14.03 17.22 -21.73
CA LEU A 334 -14.39 18.63 -21.71
C LEU A 334 -13.93 19.34 -22.98
N ALA A 335 -14.90 19.88 -23.73
CA ALA A 335 -14.58 20.52 -25.01
C ALA A 335 -14.85 22.03 -25.02
N THR A 336 -15.15 22.59 -23.85
CA THR A 336 -15.35 24.03 -23.73
C THR A 336 -14.47 24.63 -22.64
N ARG A 337 -14.06 25.88 -22.84
CA ARG A 337 -13.19 26.56 -21.90
C ARG A 337 -13.83 26.75 -20.53
N GLU A 338 -15.12 27.08 -20.52
CA GLU A 338 -15.85 27.26 -19.28
C GLU A 338 -15.88 25.96 -18.49
N GLN A 339 -16.04 24.85 -19.22
CA GLN A 339 -16.06 23.53 -18.61
C GLN A 339 -14.76 23.23 -17.88
N VAL A 340 -13.66 23.44 -18.58
CA VAL A 340 -12.33 23.21 -18.02
C VAL A 340 -12.15 24.04 -16.76
N GLN A 341 -12.56 25.29 -16.82
CA GLN A 341 -12.44 26.21 -15.70
C GLN A 341 -13.27 25.77 -14.49
N TRP A 342 -14.49 25.31 -14.74
CA TRP A 342 -15.36 24.89 -13.65
C TRP A 342 -14.80 23.68 -12.92
N TRP A 343 -14.29 22.71 -13.68
CA TRP A 343 -13.72 21.51 -13.09
C TRP A 343 -12.41 21.79 -12.36
N LEU A 344 -11.58 22.65 -12.95
CA LEU A 344 -10.37 23.11 -12.28
C LEU A 344 -10.74 23.71 -10.94
N LEU A 345 -11.82 24.48 -10.94
CA LEU A 345 -12.29 25.13 -9.72
C LEU A 345 -12.74 24.10 -8.68
N GLN A 346 -13.44 23.06 -9.13
CA GLN A 346 -13.90 22.02 -8.23
C GLN A 346 -12.73 21.29 -7.60
N LEU A 347 -11.73 20.96 -8.41
CA LEU A 347 -10.51 20.34 -7.91
C LEU A 347 -9.78 21.26 -6.95
N ALA A 348 -9.67 22.52 -7.32
CA ALA A 348 -8.98 23.52 -6.53
C ALA A 348 -9.64 23.69 -5.16
N GLN A 349 -10.96 23.68 -5.13
CA GLN A 349 -11.71 23.85 -3.89
C GLN A 349 -11.46 22.70 -2.91
N GLU A 350 -11.52 21.47 -3.41
CA GLU A 350 -11.23 20.32 -2.57
C GLU A 350 -9.78 20.35 -2.10
N LEU A 351 -8.88 20.68 -3.02
CA LEU A 351 -7.47 20.79 -2.69
C LEU A 351 -7.25 21.83 -1.59
N GLU A 352 -7.95 22.96 -1.71
CA GLU A 352 -7.82 24.04 -0.73
C GLU A 352 -8.28 23.59 0.66
N GLU A 353 -9.35 22.82 0.69
CA GLU A 353 -9.90 22.26 1.93
C GLU A 353 -8.91 21.30 2.58
N ARG A 354 -8.27 20.49 1.75
CA ARG A 354 -7.27 19.52 2.20
C ARG A 354 -5.97 20.21 2.58
N LEU A 355 -5.56 21.19 1.79
CA LEU A 355 -4.35 21.96 2.07
C LEU A 355 -4.47 22.73 3.39
N THR A 356 -5.63 23.34 3.60
CA THR A 356 -5.86 24.12 4.82
C THR A 356 -5.84 23.22 6.06
N LYS A 357 -6.47 22.06 5.98
CA LYS A 357 -6.46 21.13 7.10
C LYS A 357 -5.04 20.59 7.33
N ASP A 358 -4.32 20.35 6.24
CA ASP A 358 -2.95 19.87 6.33
C ASP A 358 -2.05 20.85 7.06
N ARG A 359 -2.23 22.14 6.73
CA ARG A 359 -1.43 23.21 7.33
C ARG A 359 -1.64 23.34 8.83
N ASN A 360 -2.89 23.24 9.26
CA ASN A 360 -3.25 23.21 10.67
C ASN A 360 -2.79 21.96 11.43
N ASP A 361 -3.03 20.80 10.84
CA ASP A 361 -2.57 19.53 11.38
C ASP A 361 -1.06 19.27 11.38
N ASN A 362 -0.42 19.56 10.24
CA ASN A 362 0.99 19.19 10.03
C ASN A 362 2.06 20.30 10.06
N ASP A 363 1.62 21.54 10.30
CA ASP A 363 2.53 22.69 10.38
C ASP A 363 3.41 22.91 9.15
N ARG A 364 2.82 22.77 7.96
CA ARG A 364 3.56 22.94 6.73
C ARG A 364 2.71 23.57 5.64
N VAL A 365 3.35 24.15 4.65
CA VAL A 365 2.65 24.75 3.52
C VAL A 365 3.25 24.28 2.21
N ALA A 366 2.41 24.10 1.21
CA ALA A 366 2.87 23.72 -0.12
C ALA A 366 3.22 24.98 -0.91
N THR A 367 4.41 25.02 -1.48
CA THR A 367 4.87 26.20 -2.20
C THR A 367 4.73 26.05 -3.71
N GLN A 368 4.46 24.83 -4.18
CA GLN A 368 4.32 24.59 -5.61
C GLN A 368 3.04 23.87 -6.03
N LEU A 369 2.43 24.37 -7.10
CA LEU A 369 1.22 23.77 -7.66
C LEU A 369 1.53 23.11 -8.98
N VAL A 370 1.12 21.85 -9.12
CA VAL A 370 1.33 21.11 -10.36
C VAL A 370 0.00 20.84 -11.06
N VAL A 371 -0.06 21.23 -12.33
CA VAL A 371 -1.26 21.00 -13.14
C VAL A 371 -0.96 19.98 -14.23
N SER A 372 -1.77 18.94 -14.29
CA SER A 372 -1.59 17.91 -15.31
C SER A 372 -2.91 17.64 -16.02
N ILE A 373 -2.83 17.45 -17.33
CA ILE A 373 -4.01 17.17 -18.14
C ILE A 373 -3.72 16.10 -19.18
N ARG A 374 -4.79 15.52 -19.71
CA ARG A 374 -4.70 14.58 -20.81
C ARG A 374 -5.61 15.02 -21.94
N VAL A 375 -5.11 15.00 -23.17
CA VAL A 375 -5.95 15.29 -24.32
C VAL A 375 -6.44 13.98 -24.91
N GLN A 376 -7.60 14.04 -25.56
CA GLN A 376 -8.22 12.86 -26.10
C GLN A 376 -7.33 12.28 -27.18
N GLY A 377 -7.19 10.97 -27.14
CA GLY A 377 -6.42 10.25 -28.14
C GLY A 377 -4.95 10.14 -27.79
N ASP A 378 -4.55 10.81 -26.71
CA ASP A 378 -3.21 10.66 -26.16
C ASP A 378 -3.08 9.30 -25.49
N LYS A 379 -1.92 8.68 -25.63
CA LYS A 379 -1.68 7.37 -25.02
C LYS A 379 -1.03 7.49 -23.64
N ARG A 380 -0.76 8.71 -23.22
CA ARG A 380 0.00 8.98 -22.01
C ARG A 380 -0.87 9.55 -20.88
N LEU A 381 -0.75 9.00 -19.68
CA LEU A 381 -1.65 9.40 -18.62
C LEU A 381 -1.70 10.92 -18.62
N SER A 382 -0.56 11.54 -18.85
CA SER A 382 -0.50 13.01 -18.91
C SER A 382 -0.12 13.48 -20.30
N SER A 383 -1.01 14.22 -20.94
CA SER A 383 -0.69 14.90 -22.17
C SER A 383 0.34 15.99 -21.91
N LEU A 384 0.14 16.72 -20.83
CA LEU A 384 1.08 17.75 -20.44
C LEU A 384 1.17 17.90 -18.93
N ARG A 385 2.34 18.28 -18.46
CA ARG A 385 2.57 18.61 -17.07
C ARG A 385 3.15 20.01 -17.00
N ARG A 386 2.55 20.85 -16.16
CA ARG A 386 3.04 22.22 -15.98
C ARG A 386 2.95 22.63 -14.52
N CYS A 387 3.86 23.48 -14.09
CA CYS A 387 3.88 23.91 -12.70
C CYS A 387 3.96 25.44 -12.57
N CYS A 388 3.30 25.96 -11.55
CA CYS A 388 3.33 27.38 -11.24
C CYS A 388 3.41 27.57 -9.73
N ALA A 389 3.91 28.73 -9.29
CA ALA A 389 4.04 28.98 -7.87
C ALA A 389 2.69 28.94 -7.16
N LEU A 390 2.68 28.38 -5.96
CA LEU A 390 1.49 28.38 -5.12
C LEU A 390 1.77 29.25 -3.90
N THR A 391 1.22 30.46 -3.91
CA THR A 391 1.46 31.46 -2.88
C THR A 391 0.30 31.69 -1.90
N ARG A 392 -0.89 31.28 -2.31
CA ARG A 392 -2.08 31.38 -1.46
C ARG A 392 -2.94 30.12 -1.51
N TYR A 393 -3.48 29.71 -0.37
CA TYR A 393 -4.45 28.64 -0.32
C TYR A 393 -5.82 29.17 -0.71
N ASP A 394 -5.91 29.66 -1.94
CA ASP A 394 -7.17 30.14 -2.47
C ASP A 394 -7.54 29.29 -3.67
N ALA A 395 -8.74 28.73 -3.63
CA ALA A 395 -9.21 27.87 -4.71
C ALA A 395 -9.36 28.63 -6.03
N HIS A 396 -9.93 29.82 -5.97
CA HIS A 396 -10.12 30.62 -7.17
C HIS A 396 -8.83 31.02 -7.82
N LYS A 397 -7.85 31.42 -7.01
CA LYS A 397 -6.54 31.78 -7.54
C LYS A 397 -5.84 30.55 -8.13
N MET A 398 -5.87 29.44 -7.40
CA MET A 398 -5.23 28.22 -7.86
C MET A 398 -5.83 27.71 -9.17
N SER A 399 -7.16 27.71 -9.25
CA SER A 399 -7.84 27.28 -10.48
C SER A 399 -7.56 28.27 -11.61
N HIS A 400 -7.56 29.56 -11.29
CA HIS A 400 -7.26 30.59 -12.26
C HIS A 400 -5.86 30.47 -12.79
N ASP A 401 -4.91 30.19 -11.89
CA ASP A 401 -3.52 30.03 -12.26
C ASP A 401 -3.33 28.79 -13.13
N ALA A 402 -4.00 27.70 -12.76
CA ALA A 402 -3.91 26.44 -13.49
C ALA A 402 -4.38 26.61 -14.94
N PHE A 403 -5.46 27.36 -15.11
CA PHE A 403 -5.97 27.61 -16.46
C PHE A 403 -4.95 28.37 -17.27
N THR A 404 -4.32 29.36 -16.64
CA THR A 404 -3.30 30.16 -17.31
C THR A 404 -2.18 29.27 -17.84
N VAL A 405 -1.80 28.30 -17.04
CA VAL A 405 -0.72 27.38 -17.40
C VAL A 405 -1.03 26.47 -18.59
N ILE A 406 -2.25 25.96 -18.64
CA ILE A 406 -2.66 25.00 -19.67
C ILE A 406 -3.50 25.58 -20.82
N LYS A 407 -3.82 26.87 -20.76
CA LYS A 407 -4.73 27.45 -21.73
C LYS A 407 -4.27 27.34 -23.17
N ASN A 408 -2.96 27.44 -23.35
CA ASN A 408 -2.34 27.45 -24.67
C ASN A 408 -2.55 26.15 -25.42
N CYS A 409 -2.82 25.09 -24.66
CA CYS A 409 -2.97 23.76 -25.22
C CYS A 409 -4.11 23.74 -26.23
N ASN A 410 -5.16 24.52 -25.96
CA ASN A 410 -6.32 24.55 -26.84
C ASN A 410 -6.00 25.03 -28.26
N THR A 411 -6.63 24.39 -29.23
CA THR A 411 -6.46 24.76 -30.63
C THR A 411 -7.77 25.29 -31.20
N SER A 412 -7.84 26.60 -31.41
CA SER A 412 -9.04 27.23 -31.96
C SER A 412 -10.29 26.83 -31.19
N THR A 416 -13.58 30.04 -27.10
CA THR A 416 -14.74 29.70 -26.31
C THR A 416 -14.93 28.18 -26.27
N GLU A 417 -14.21 27.47 -27.13
CA GLU A 417 -14.31 26.01 -27.20
C GLU A 417 -12.94 25.38 -27.02
N TRP A 418 -12.93 24.17 -26.46
CA TRP A 418 -11.69 23.52 -26.19
C TRP A 418 -11.47 22.36 -27.11
N SER A 419 -10.36 22.39 -27.82
CA SER A 419 -9.91 21.24 -28.60
C SER A 419 -8.40 21.05 -28.46
N PRO A 420 -7.97 19.80 -28.38
CA PRO A 420 -8.87 18.65 -28.26
C PRO A 420 -9.48 18.59 -26.87
N PRO A 421 -10.62 17.92 -26.74
CA PRO A 421 -11.32 17.84 -25.45
C PRO A 421 -10.46 17.14 -24.42
N LEU A 422 -10.52 17.59 -23.17
CA LEU A 422 -9.64 17.07 -22.14
C LEU A 422 -10.20 15.82 -21.46
N THR A 423 -9.46 14.72 -21.58
CA THR A 423 -9.88 13.46 -20.97
C THR A 423 -9.58 13.43 -19.47
N MET A 424 -8.59 14.18 -19.03
CA MET A 424 -8.20 14.18 -17.62
C MET A 424 -7.72 15.53 -17.11
N LEU A 425 -8.04 15.83 -15.86
CA LEU A 425 -7.54 17.02 -15.16
C LEU A 425 -6.90 16.60 -13.85
N PHE A 426 -5.70 17.10 -13.60
CA PHE A 426 -4.99 16.79 -12.37
C PHE A 426 -4.45 18.06 -11.71
N LEU A 427 -4.69 18.19 -10.41
CA LEU A 427 -4.06 19.25 -9.62
C LEU A 427 -3.33 18.65 -8.44
N CYS A 428 -2.05 19.00 -8.28
CA CYS A 428 -1.26 18.47 -7.19
C CYS A 428 -0.47 19.57 -6.47
N ALA A 429 -0.59 19.61 -5.16
CA ALA A 429 0.19 20.52 -4.34
C ALA A 429 1.48 19.81 -3.89
N THR A 430 2.61 20.48 -4.06
CA THR A 430 3.90 19.86 -3.78
C THR A 430 4.91 20.85 -3.22
N LYS A 431 6.14 20.36 -3.00
CA LYS A 431 7.21 21.16 -2.43
C LYS A 431 6.82 21.80 -1.10
N PHE A 432 6.42 20.96 -0.14
CA PHE A 432 6.00 21.43 1.17
C PHE A 432 7.14 22.03 2.00
N SER A 433 6.80 23.06 2.76
CA SER A 433 7.77 23.79 3.58
C SER A 433 7.21 24.00 4.97
N ALA A 434 8.08 24.08 5.96
CA ALA A 434 7.65 24.28 7.33
C ALA A 434 6.98 25.65 7.51
N SER A 435 5.98 25.70 8.38
CA SER A 435 5.26 26.94 8.66
C SER A 435 4.70 26.94 10.08
MG MG D . -5.11 -3.69 2.56
MG MG E . -2.43 -1.94 0.97
PG 0KX F . -6.45 -6.45 1.35
O1G 0KX F . -6.94 -7.20 2.46
O2G 0KX F . -5.32 -5.65 1.59
O3G 0KX F . -6.18 -7.34 0.29
PB 0KX F . -7.51 -3.97 0.65
O1B 0KX F . -8.67 -3.55 0.35
O2B 0KX F . -7.06 -3.27 1.78
O3B 0KX F . -7.63 -5.56 0.87
PA 0KX F . -5.11 -2.73 -0.61
O1A 0KX F . -4.44 -2.86 0.54
O2A 0KX F . -4.44 -3.04 -1.86
N3A 0KX F . -6.44 -3.60 -0.56
O5' 0KX F . -5.56 -1.29 -0.75
C5' 0KX F . -6.24 -0.54 0.30
C4' 0KX F . -7.34 0.47 -0.14
O4' 0KX F . -6.95 1.41 -1.10
C3' 0KX F . -8.60 -0.31 -0.58
O3' 0KX F . -9.41 -0.80 0.40
C2' 0KX F . -9.10 0.68 -1.61
C1' 0KX F . -7.88 1.53 -2.08
N1 0KX F . -7.26 1.00 -3.45
C2 0KX F . -7.78 1.69 -4.49
N3 0KX F . -7.48 1.36 -5.75
C4 0KX F . -6.66 0.32 -6.03
C5 0KX F . -6.13 -0.40 -4.97
C6 0KX F . -6.44 -0.04 -3.66
O2 0KX F . -8.47 2.59 -4.28
N4 0KX F . -6.37 -0.01 -7.34
PT1 CPT G . -6.53 4.60 -12.14
PT1 CPT G . -7.23 2.35 -13.01
N1 CPT G . -6.10 3.36 -13.67
N1 CPT G . -5.99 1.26 -14.24
N2 CPT G . -4.77 5.59 -12.45
N2 CPT G . -5.64 3.14 -12.09
#